data_8QZ2
#
_entry.id   8QZ2
#
_cell.length_a   56.538
_cell.length_b   111.698
_cell.length_c   289.208
_cell.angle_alpha   90
_cell.angle_beta   90
_cell.angle_gamma   90
#
_symmetry.space_group_name_H-M   'C 2 2 21'
#
loop_
_entity.id
_entity.type
_entity.pdbx_description
1 polymer 'Potassium channel subfamily K member 10'
2 polymer 'Nanobody 61'
3 non-polymer 'POTASSIUM ION'
#
loop_
_entity_poly.entity_id
_entity_poly.type
_entity_poly.pdbx_seq_one_letter_code
_entity_poly.pdbx_strand_id
1 'polypeptide(L)'
;MKTVVAIFVVVVVYLVTGGLVFRALEQPFESSQKNTIALEKAEFLRDHVCVSPQELETLIQHALDADNAGVSPIGQSSQQ
SSHWDLGSAFFFAGTVITTIGYGNIAPSTEGGKIFCILYAIFGIPLFGFLLAGIGDQLGTIFGKSIARVEKVFRKKQVSQ
TKIRVISTILFILAGCIVFVTIPAVIFKYIEGWTALESIYFVVVTLTTVGFGDFVAGGNAGINYREWYKPLVWFWILVGL
AYFAAVLSMIGDWLRVLSKKTKEEVGEAENLYFQ
;
A,B
2 'polypeptide(L)'
;QVQLVESGGGLVQAGDSLRVSCAGSGFTFTSYGMGWFRQAPGKEREFVASINWNSNTAYADSVRGRFTISRDNAESMMYL
QMNSLKPEDTAVYYCAATRAYSKPRVDSRHYDYWGQGTQVTVSSHHHHHHEPEA
;
C
#
loop_
_chem_comp.id
_chem_comp.type
_chem_comp.name
_chem_comp.formula
K non-polymer 'POTASSIUM ION' 'K 1'
#
# COMPACT_ATOMS: atom_id res chain seq x y z
N MET A 1 -33.62 -17.83 3.63
CA MET A 1 -32.16 -17.68 3.51
C MET A 1 -31.62 -18.21 2.18
N LYS A 2 -32.45 -18.18 1.12
CA LYS A 2 -32.03 -18.65 -0.20
C LYS A 2 -32.01 -17.52 -1.24
N THR A 3 -31.79 -16.26 -0.80
CA THR A 3 -31.73 -15.12 -1.70
C THR A 3 -30.36 -14.47 -1.67
N VAL A 4 -29.80 -14.26 -0.47
CA VAL A 4 -28.46 -13.67 -0.31
C VAL A 4 -27.39 -14.67 -0.80
N VAL A 5 -27.60 -15.97 -0.57
CA VAL A 5 -26.70 -17.03 -1.03
C VAL A 5 -26.67 -17.08 -2.56
N ALA A 6 -27.83 -16.84 -3.21
CA ALA A 6 -27.90 -16.81 -4.67
C ALA A 6 -27.08 -15.65 -5.21
N ILE A 7 -27.15 -14.48 -4.54
CA ILE A 7 -26.38 -13.29 -4.90
C ILE A 7 -24.89 -13.57 -4.75
N PHE A 8 -24.51 -14.24 -3.65
CA PHE A 8 -23.12 -14.63 -3.36
C PHE A 8 -22.56 -15.48 -4.50
N VAL A 9 -23.34 -16.44 -5.00
CA VAL A 9 -22.93 -17.32 -6.08
C VAL A 9 -22.71 -16.50 -7.36
N VAL A 10 -23.62 -15.56 -7.66
CA VAL A 10 -23.52 -14.67 -8.81
C VAL A 10 -22.23 -13.84 -8.73
N VAL A 11 -21.93 -13.31 -7.55
CA VAL A 11 -20.72 -12.52 -7.31
C VAL A 11 -19.44 -13.38 -7.48
N VAL A 12 -19.42 -14.60 -6.92
CA VAL A 12 -18.27 -15.50 -7.06
C VAL A 12 -18.05 -15.87 -8.54
N VAL A 13 -19.14 -16.17 -9.25
CA VAL A 13 -19.10 -16.49 -10.68
C VAL A 13 -18.55 -15.28 -11.46
N TYR A 14 -18.97 -14.07 -11.09
CA TYR A 14 -18.53 -12.82 -11.69
C TYR A 14 -17.03 -12.61 -11.46
N LEU A 15 -16.48 -13.06 -10.33
CA LEU A 15 -15.06 -12.93 -10.03
C LEU A 15 -14.22 -13.96 -10.76
N VAL A 16 -14.75 -15.18 -10.93
CA VAL A 16 -14.07 -16.24 -11.66
C VAL A 16 -14.04 -15.88 -13.15
N THR A 17 -15.20 -15.43 -13.69
CA THR A 17 -15.34 -15.00 -15.07
C THR A 17 -14.44 -13.80 -15.33
N GLY A 18 -14.47 -12.82 -14.43
CA GLY A 18 -13.63 -11.64 -14.53
C GLY A 18 -12.15 -11.96 -14.51
N GLY A 19 -11.79 -12.92 -13.66
CA GLY A 19 -10.42 -13.41 -13.54
C GLY A 19 -9.94 -14.09 -14.80
N LEU A 20 -10.84 -14.77 -15.52
CA LEU A 20 -10.49 -15.44 -16.77
C LEU A 20 -10.24 -14.42 -17.88
N VAL A 21 -11.04 -13.35 -17.91
CA VAL A 21 -10.91 -12.30 -18.93
C VAL A 21 -9.65 -11.47 -18.70
N PHE A 22 -9.42 -11.04 -17.44
CA PHE A 22 -8.24 -10.25 -17.10
C PHE A 22 -6.95 -11.06 -17.31
N ARG A 23 -7.00 -12.39 -17.11
CA ARG A 23 -5.85 -13.26 -17.33
C ARG A 23 -5.48 -13.29 -18.81
N ALA A 24 -6.47 -13.43 -19.70
CA ALA A 24 -6.22 -13.47 -21.13
C ALA A 24 -5.74 -12.13 -21.69
N LEU A 25 -6.12 -11.03 -21.05
CA LEU A 25 -5.74 -9.69 -21.49
C LEU A 25 -4.36 -9.27 -21.00
N GLU A 26 -3.95 -9.74 -19.82
CA GLU A 26 -2.69 -9.31 -19.22
C GLU A 26 -1.57 -10.35 -19.16
N GLN A 27 -1.87 -11.63 -19.38
CA GLN A 27 -0.84 -12.68 -19.36
C GLN A 27 0.24 -12.48 -20.43
N PRO A 28 -0.06 -12.10 -21.69
CA PRO A 28 1.02 -11.92 -22.68
C PRO A 28 1.94 -10.74 -22.36
N PHE A 29 1.40 -9.68 -21.75
CA PHE A 29 2.20 -8.52 -21.39
C PHE A 29 3.11 -8.82 -20.21
N GLU A 30 2.58 -9.55 -19.22
CA GLU A 30 3.35 -9.91 -18.04
C GLU A 30 4.49 -10.85 -18.42
N SER A 31 4.24 -11.79 -19.33
CA SER A 31 5.25 -12.73 -19.80
C SER A 31 6.34 -12.00 -20.56
N SER A 32 5.98 -11.02 -21.39
CA SER A 32 6.95 -10.24 -22.14
C SER A 32 7.79 -9.37 -21.23
N GLN A 33 7.18 -8.79 -20.21
CA GLN A 33 7.89 -7.93 -19.26
C GLN A 33 8.82 -8.76 -18.37
N LYS A 34 8.40 -9.97 -17.98
CA LYS A 34 9.22 -10.86 -17.17
C LYS A 34 10.46 -11.27 -17.95
N ASN A 35 10.31 -11.59 -19.25
CA ASN A 35 11.41 -11.98 -20.12
C ASN A 35 12.35 -10.80 -20.33
N THR A 36 11.78 -9.59 -20.51
CA THR A 36 12.54 -8.38 -20.73
C THR A 36 13.47 -8.06 -19.56
N ILE A 37 12.92 -7.92 -18.34
CA ILE A 37 13.71 -7.57 -17.15
C ILE A 37 14.75 -8.63 -16.79
N ALA A 38 14.46 -9.93 -17.01
CA ALA A 38 15.41 -11.00 -16.74
C ALA A 38 16.60 -10.88 -17.67
N LEU A 39 16.37 -10.49 -18.93
CA LEU A 39 17.41 -10.32 -19.92
C LEU A 39 18.26 -9.08 -19.61
N GLU A 40 17.63 -7.99 -19.17
CA GLU A 40 18.34 -6.75 -18.83
C GLU A 40 19.28 -6.92 -17.62
N LYS A 41 18.86 -7.77 -16.67
CA LYS A 41 19.68 -8.04 -15.48
C LYS A 41 20.85 -8.96 -15.82
N ALA A 42 20.64 -9.93 -16.73
CA ALA A 42 21.68 -10.86 -17.17
C ALA A 42 22.70 -10.14 -18.01
N GLU A 43 22.26 -9.22 -18.89
CA GLU A 43 23.16 -8.46 -19.74
C GLU A 43 23.96 -7.43 -18.95
N PHE A 44 23.40 -6.91 -17.84
CA PHE A 44 24.13 -5.96 -17.02
C PHE A 44 25.31 -6.65 -16.35
N LEU A 45 25.12 -7.88 -15.86
CA LEU A 45 26.17 -8.66 -15.22
C LEU A 45 27.24 -9.12 -16.23
N ARG A 46 26.83 -9.38 -17.48
CA ARG A 46 27.75 -9.79 -18.54
C ARG A 46 28.64 -8.61 -18.97
N ASP A 47 28.05 -7.39 -19.01
CA ASP A 47 28.78 -6.17 -19.37
C ASP A 47 29.61 -5.63 -18.21
N HIS A 48 29.19 -5.89 -16.97
CA HIS A 48 29.91 -5.41 -15.79
C HIS A 48 30.35 -6.58 -14.93
N VAL A 49 31.53 -7.15 -15.25
CA VAL A 49 32.12 -8.30 -14.57
C VAL A 49 32.32 -8.03 -13.07
N CYS A 50 32.75 -6.81 -12.73
CA CYS A 50 33.05 -6.40 -11.35
C CYS A 50 31.82 -6.41 -10.41
N VAL A 51 30.61 -6.57 -10.96
CA VAL A 51 29.37 -6.61 -10.17
C VAL A 51 28.87 -8.04 -9.98
N SER A 52 28.72 -8.47 -8.72
CA SER A 52 28.20 -9.80 -8.42
C SER A 52 26.66 -9.84 -8.59
N PRO A 53 26.05 -11.02 -8.84
CA PRO A 53 24.59 -11.06 -9.00
C PRO A 53 23.83 -10.63 -7.74
N GLN A 54 24.40 -10.84 -6.55
CA GLN A 54 23.75 -10.43 -5.30
C GLN A 54 23.87 -8.92 -5.10
N GLU A 55 25.02 -8.34 -5.47
CA GLU A 55 25.25 -6.90 -5.38
C GLU A 55 24.31 -6.10 -6.31
N LEU A 56 23.88 -6.73 -7.42
CA LEU A 56 22.95 -6.15 -8.37
C LEU A 56 21.55 -6.09 -7.74
N GLU A 57 21.12 -7.18 -7.07
CA GLU A 57 19.82 -7.27 -6.43
C GLU A 57 19.71 -6.27 -5.29
N THR A 58 20.79 -6.10 -4.51
CA THR A 58 20.82 -5.16 -3.39
C THR A 58 20.64 -3.72 -3.87
N LEU A 59 21.25 -3.39 -5.01
CA LEU A 59 21.14 -2.07 -5.63
C LEU A 59 19.71 -1.81 -6.10
N ILE A 60 19.09 -2.83 -6.73
CA ILE A 60 17.72 -2.75 -7.21
C ILE A 60 16.78 -2.54 -6.03
N GLN A 61 16.93 -3.35 -4.97
CA GLN A 61 16.11 -3.25 -3.77
C GLN A 61 16.27 -1.89 -3.11
N HIS A 62 17.47 -1.34 -3.11
CA HIS A 62 17.74 -0.02 -2.53
C HIS A 62 17.09 1.10 -3.34
N ALA A 63 17.06 0.94 -4.67
CA ALA A 63 16.43 1.94 -5.54
C ALA A 63 14.91 1.88 -5.35
N LEU A 64 14.35 0.65 -5.27
CA LEU A 64 12.93 0.46 -5.04
C LEU A 64 12.49 0.93 -3.66
N ASP A 65 13.39 0.83 -2.65
CA ASP A 65 13.09 1.29 -1.30
C ASP A 65 12.89 2.80 -1.30
N ALA A 66 13.72 3.53 -2.06
CA ALA A 66 13.62 4.98 -2.15
C ALA A 66 12.43 5.38 -3.03
N ASP A 67 12.19 4.65 -4.12
CA ASP A 67 11.09 4.92 -5.03
C ASP A 67 9.73 4.77 -4.34
N ASN A 68 9.57 3.71 -3.53
CA ASN A 68 8.33 3.48 -2.79
C ASN A 68 8.09 4.53 -1.72
N ALA A 69 9.16 5.06 -1.12
CA ALA A 69 9.07 6.11 -0.11
C ALA A 69 8.64 7.47 -0.67
N GLY A 70 8.80 7.66 -1.99
CA GLY A 70 8.46 8.90 -2.67
C GLY A 70 9.63 9.59 -3.35
N VAL A 71 10.85 9.11 -3.10
CA VAL A 71 12.07 9.67 -3.67
C VAL A 71 12.52 8.88 -4.90
N SER A 72 12.52 9.50 -6.08
CA SER A 72 12.94 8.82 -7.30
C SER A 72 14.44 8.59 -7.29
N PRO A 73 14.88 7.33 -7.51
CA PRO A 73 16.32 7.06 -7.51
C PRO A 73 17.04 7.45 -8.81
N ILE A 74 16.33 8.04 -9.78
CA ILE A 74 16.90 8.48 -11.04
C ILE A 74 17.47 9.89 -10.87
N GLY A 75 18.75 10.06 -11.14
CA GLY A 75 19.43 11.34 -10.98
C GLY A 75 19.41 11.81 -9.54
N GLN A 76 19.33 13.13 -9.33
CA GLN A 76 19.26 13.66 -7.96
C GLN A 76 18.29 14.82 -7.87
N SER A 77 17.51 14.87 -6.79
CA SER A 77 16.53 15.93 -6.57
C SER A 77 17.18 17.14 -5.84
N SER A 78 16.72 17.53 -4.63
CA SER A 78 17.22 18.65 -3.82
C SER A 78 16.43 18.68 -2.48
N GLN A 79 16.42 19.80 -1.73
CA GLN A 79 15.57 19.90 -0.52
C GLN A 79 14.07 20.10 -0.91
N GLN A 80 13.74 19.97 -2.21
CA GLN A 80 12.39 20.07 -2.77
C GLN A 80 11.68 18.76 -2.44
N SER A 81 11.23 18.63 -1.20
CA SER A 81 10.53 17.45 -0.71
C SER A 81 9.04 17.67 -0.95
N SER A 82 8.69 18.04 -2.20
CA SER A 82 7.32 18.34 -2.64
C SER A 82 6.34 17.16 -2.57
N HIS A 83 6.78 16.02 -2.01
CA HIS A 83 5.91 14.87 -1.83
C HIS A 83 5.23 14.89 -0.45
N TRP A 84 5.78 15.63 0.54
CA TRP A 84 5.16 15.72 1.86
C TRP A 84 5.01 17.17 2.35
N ASP A 85 4.86 18.13 1.44
CA ASP A 85 4.68 19.55 1.80
C ASP A 85 3.19 19.87 2.08
N LEU A 86 2.86 21.09 2.55
CA LEU A 86 1.47 21.44 2.88
C LEU A 86 0.45 21.13 1.77
N GLY A 87 0.82 21.38 0.52
CA GLY A 87 -0.07 21.12 -0.60
C GLY A 87 -0.28 19.65 -0.92
N SER A 88 0.81 18.87 -0.91
CA SER A 88 0.72 17.44 -1.22
C SER A 88 0.15 16.63 -0.06
N ALA A 89 0.42 17.04 1.18
CA ALA A 89 -0.15 16.36 2.35
C ALA A 89 -1.65 16.65 2.52
N PHE A 90 -2.14 17.78 1.96
CA PHE A 90 -3.55 18.12 1.96
C PHE A 90 -4.26 17.15 1.00
N PHE A 91 -3.65 16.86 -0.17
CA PHE A 91 -4.21 15.91 -1.13
C PHE A 91 -4.10 14.49 -0.61
N PHE A 92 -3.06 14.17 0.17
CA PHE A 92 -2.93 12.85 0.79
C PHE A 92 -4.04 12.68 1.82
N ALA A 93 -4.32 13.72 2.63
CA ALA A 93 -5.39 13.69 3.61
C ALA A 93 -6.75 13.46 2.92
N GLY A 94 -6.94 14.06 1.75
CA GLY A 94 -8.15 13.87 0.95
C GLY A 94 -8.24 12.44 0.42
N THR A 95 -7.08 11.91 -0.01
CA THR A 95 -6.89 10.56 -0.51
C THR A 95 -7.34 9.51 0.53
N VAL A 96 -7.22 9.83 1.82
CA VAL A 96 -7.58 8.93 2.91
C VAL A 96 -9.09 8.98 3.23
N ILE A 97 -9.64 10.17 3.49
CA ILE A 97 -11.04 10.32 3.88
C ILE A 97 -12.03 9.96 2.76
N THR A 98 -11.60 10.05 1.50
CA THR A 98 -12.46 9.68 0.37
C THR A 98 -12.33 8.19 -0.02
N THR A 99 -11.43 7.42 0.65
CA THR A 99 -11.12 6.01 0.46
C THR A 99 -10.61 5.72 -0.95
N ILE A 100 -10.04 6.71 -1.66
CA ILE A 100 -9.51 6.50 -3.00
C ILE A 100 -8.15 5.81 -2.87
N GLY A 101 -7.30 6.37 -2.00
CA GLY A 101 -5.98 5.83 -1.71
C GLY A 101 -5.13 5.49 -2.91
N TYR A 102 -4.56 6.51 -3.58
CA TYR A 102 -3.72 6.28 -4.74
C TYR A 102 -2.48 5.45 -4.38
N GLY A 103 -1.89 5.76 -3.23
CA GLY A 103 -0.73 5.04 -2.69
C GLY A 103 0.59 5.32 -3.37
N ASN A 104 0.63 6.34 -4.23
CA ASN A 104 1.86 6.76 -4.89
C ASN A 104 2.81 7.32 -3.79
N ILE A 105 2.25 8.07 -2.83
CA ILE A 105 2.92 8.62 -1.66
C ILE A 105 2.12 8.12 -0.46
N ALA A 106 2.76 7.34 0.40
CA ALA A 106 2.15 6.76 1.60
C ALA A 106 3.07 6.91 2.83
N PRO A 107 2.54 6.81 4.07
CA PRO A 107 3.41 6.95 5.25
C PRO A 107 4.40 5.79 5.43
N SER A 108 5.65 6.12 5.74
CA SER A 108 6.72 5.15 5.93
C SER A 108 7.06 4.99 7.41
N THR A 109 7.06 6.11 8.17
CA THR A 109 7.38 6.08 9.60
C THR A 109 6.30 5.36 10.40
N GLU A 110 6.68 4.84 11.57
CA GLU A 110 5.72 4.17 12.45
C GLU A 110 4.68 5.15 12.98
N GLY A 111 5.11 6.38 13.29
CA GLY A 111 4.21 7.43 13.75
C GLY A 111 3.19 7.83 12.70
N GLY A 112 3.63 7.87 11.44
CA GLY A 112 2.78 8.18 10.30
C GLY A 112 1.74 7.10 10.04
N LYS A 113 2.07 5.86 10.35
CA LYS A 113 1.15 4.73 10.21
C LYS A 113 0.12 4.71 11.36
N ILE A 114 0.54 5.11 12.57
CA ILE A 114 -0.35 5.19 13.74
C ILE A 114 -1.37 6.32 13.54
N PHE A 115 -0.91 7.47 13.05
CA PHE A 115 -1.80 8.60 12.79
C PHE A 115 -2.72 8.32 11.61
N CYS A 116 -2.27 7.54 10.62
CA CYS A 116 -3.09 7.20 9.45
C CYS A 116 -4.25 6.28 9.79
N ILE A 117 -4.09 5.42 10.79
CA ILE A 117 -5.17 4.52 11.22
C ILE A 117 -6.26 5.35 11.88
N LEU A 118 -5.88 6.24 12.80
CA LEU A 118 -6.82 7.11 13.52
C LEU A 118 -7.41 8.21 12.62
N TYR A 119 -6.69 8.59 11.55
CA TYR A 119 -7.15 9.59 10.60
C TYR A 119 -8.22 9.01 9.68
N ALA A 120 -8.11 7.73 9.32
CA ALA A 120 -9.09 7.08 8.46
C ALA A 120 -10.32 6.68 9.27
N ILE A 121 -10.11 6.15 10.48
CA ILE A 121 -11.20 5.73 11.36
C ILE A 121 -12.14 6.89 11.72
N PHE A 122 -11.58 8.10 11.91
CA PHE A 122 -12.39 9.27 12.24
C PHE A 122 -12.66 10.22 11.06
N GLY A 123 -11.94 10.03 9.95
CA GLY A 123 -12.08 10.88 8.78
C GLY A 123 -12.99 10.36 7.69
N ILE A 124 -12.99 9.04 7.49
CA ILE A 124 -13.86 8.42 6.50
C ILE A 124 -15.35 8.65 6.85
N PRO A 125 -15.81 8.47 8.12
CA PRO A 125 -17.22 8.77 8.43
C PRO A 125 -17.51 10.27 8.39
N LEU A 126 -16.51 11.13 8.67
CA LEU A 126 -16.68 12.59 8.61
C LEU A 126 -16.91 13.02 7.16
N PHE A 127 -16.15 12.43 6.21
CA PHE A 127 -16.35 12.73 4.79
C PHE A 127 -17.69 12.18 4.30
N GLY A 128 -18.09 11.01 4.82
CA GLY A 128 -19.37 10.38 4.50
C GLY A 128 -20.54 11.25 4.88
N PHE A 129 -20.42 12.04 5.96
CA PHE A 129 -21.47 12.96 6.40
C PHE A 129 -21.63 14.14 5.43
N LEU A 130 -20.52 14.57 4.82
CA LEU A 130 -20.53 15.65 3.82
C LEU A 130 -21.06 15.10 2.50
N LEU A 131 -20.61 13.90 2.11
CA LEU A 131 -21.01 13.24 0.87
C LEU A 131 -22.50 12.92 0.87
N ALA A 132 -23.07 12.54 2.02
CA ALA A 132 -24.51 12.26 2.12
C ALA A 132 -25.30 13.57 2.12
N GLY A 133 -24.78 14.59 2.82
CA GLY A 133 -25.40 15.90 2.88
C GLY A 133 -25.49 16.58 1.53
N ILE A 134 -24.44 16.44 0.71
CA ILE A 134 -24.45 17.01 -0.64
C ILE A 134 -25.45 16.23 -1.49
N GLY A 135 -25.41 14.90 -1.42
CA GLY A 135 -26.30 14.02 -2.17
C GLY A 135 -27.77 14.18 -1.86
N ASP A 136 -28.11 14.52 -0.61
CA ASP A 136 -29.51 14.72 -0.22
C ASP A 136 -30.02 16.09 -0.67
N GLN A 137 -29.15 17.11 -0.65
CA GLN A 137 -29.49 18.44 -1.13
C GLN A 137 -29.60 18.42 -2.68
N LEU A 138 -28.73 17.63 -3.34
CA LEU A 138 -28.65 17.39 -4.78
C LEU A 138 -29.86 16.59 -5.27
N GLY A 139 -30.29 15.62 -4.47
CA GLY A 139 -31.44 14.77 -4.76
C GLY A 139 -32.76 15.54 -4.72
N THR A 140 -32.81 16.59 -3.89
CA THR A 140 -33.97 17.47 -3.77
C THR A 140 -34.10 18.31 -5.05
N ILE A 141 -32.97 18.81 -5.57
CA ILE A 141 -32.91 19.58 -6.82
C ILE A 141 -33.35 18.67 -7.98
N PHE A 142 -32.89 17.40 -7.97
CA PHE A 142 -33.26 16.40 -8.96
C PHE A 142 -34.76 16.14 -8.91
N GLY A 143 -35.30 15.98 -7.71
CA GLY A 143 -36.71 15.73 -7.49
C GLY A 143 -37.58 16.87 -8.00
N LYS A 144 -37.12 18.11 -7.79
CA LYS A 144 -37.84 19.30 -8.27
C LYS A 144 -37.78 19.43 -9.79
N SER A 145 -36.68 18.98 -10.41
CA SER A 145 -36.50 19.02 -11.86
C SER A 145 -37.35 17.95 -12.52
N ILE A 146 -37.43 16.75 -11.92
CA ILE A 146 -38.22 15.66 -12.47
C ILE A 146 -39.74 15.84 -12.20
N ALA A 147 -40.10 16.60 -11.15
CA ALA A 147 -41.51 16.91 -10.87
C ALA A 147 -42.03 17.95 -11.89
N ARG A 148 -41.15 18.86 -12.34
CA ARG A 148 -41.48 19.88 -13.34
C ARG A 148 -41.72 19.21 -14.70
N VAL A 149 -40.94 18.17 -15.03
CA VAL A 149 -41.07 17.42 -16.27
C VAL A 149 -42.38 16.61 -16.25
N GLU A 150 -42.69 15.99 -15.10
CA GLU A 150 -43.91 15.21 -14.91
C GLU A 150 -45.17 16.08 -14.99
N LYS A 151 -45.08 17.36 -14.60
CA LYS A 151 -46.20 18.29 -14.65
C LYS A 151 -46.59 18.64 -16.10
N VAL A 152 -45.60 18.66 -17.01
CA VAL A 152 -45.84 18.95 -18.42
C VAL A 152 -46.55 17.78 -19.10
N ARG A 164 -41.05 9.01 -16.91
CA ARG A 164 -40.21 9.27 -15.75
C ARG A 164 -38.85 8.54 -15.84
N VAL A 165 -38.81 7.41 -16.55
CA VAL A 165 -37.57 6.62 -16.72
C VAL A 165 -36.62 7.33 -17.67
N ILE A 166 -37.16 7.91 -18.76
CA ILE A 166 -36.37 8.67 -19.75
C ILE A 166 -35.71 9.86 -19.07
N SER A 167 -36.46 10.56 -18.19
CA SER A 167 -35.95 11.70 -17.43
C SER A 167 -34.81 11.28 -16.51
N THR A 168 -34.94 10.11 -15.87
CA THR A 168 -33.94 9.52 -15.00
C THR A 168 -32.65 9.21 -15.79
N ILE A 169 -32.81 8.65 -16.99
CA ILE A 169 -31.68 8.33 -17.88
C ILE A 169 -30.99 9.63 -18.34
N LEU A 170 -31.78 10.67 -18.63
CA LEU A 170 -31.26 11.98 -19.03
C LEU A 170 -30.45 12.62 -17.91
N PHE A 171 -30.89 12.45 -16.66
CA PHE A 171 -30.16 13.00 -15.52
C PHE A 171 -28.85 12.24 -15.24
N ILE A 172 -28.75 10.96 -15.65
CA ILE A 172 -27.53 10.19 -15.51
C ILE A 172 -26.56 10.53 -16.65
N LEU A 173 -27.09 10.69 -17.87
CA LEU A 173 -26.31 11.08 -19.05
C LEU A 173 -25.70 12.48 -18.88
N ALA A 174 -26.38 13.37 -18.14
CA ALA A 174 -25.87 14.70 -17.86
C ALA A 174 -24.65 14.63 -16.92
N GLY A 175 -24.68 13.72 -15.96
CA GLY A 175 -23.57 13.50 -15.04
C GLY A 175 -22.36 12.92 -15.74
N CYS A 176 -22.60 12.06 -16.73
CA CYS A 176 -21.53 11.45 -17.52
C CYS A 176 -20.87 12.43 -18.50
N ILE A 177 -21.43 13.63 -18.70
CA ILE A 177 -20.88 14.64 -19.59
C ILE A 177 -20.17 15.70 -18.74
N VAL A 178 -20.85 16.18 -17.70
CA VAL A 178 -20.33 17.21 -16.81
C VAL A 178 -19.21 16.70 -15.90
N PHE A 179 -19.36 15.49 -15.37
CA PHE A 179 -18.39 14.95 -14.42
C PHE A 179 -17.52 13.82 -14.98
N VAL A 180 -17.82 13.29 -16.17
CA VAL A 180 -17.01 12.20 -16.73
C VAL A 180 -16.35 12.57 -18.06
N THR A 181 -17.15 13.01 -19.05
CA THR A 181 -16.65 13.34 -20.39
C THR A 181 -15.79 14.61 -20.41
N ILE A 182 -16.35 15.76 -19.98
CA ILE A 182 -15.64 17.04 -19.95
C ILE A 182 -14.34 16.97 -19.13
N PRO A 183 -14.33 16.46 -17.86
CA PRO A 183 -13.07 16.38 -17.12
C PRO A 183 -12.02 15.53 -17.81
N ALA A 184 -12.42 14.40 -18.43
CA ALA A 184 -11.48 13.52 -19.14
C ALA A 184 -10.81 14.23 -20.31
N VAL A 185 -11.52 15.14 -20.97
CA VAL A 185 -10.96 15.91 -22.08
C VAL A 185 -9.87 16.84 -21.57
N ILE A 186 -10.11 17.49 -20.43
CA ILE A 186 -9.18 18.41 -19.79
C ILE A 186 -7.90 17.69 -19.34
N PHE A 187 -8.03 16.49 -18.75
CA PHE A 187 -6.88 15.70 -18.30
C PHE A 187 -6.05 15.19 -19.46
N LYS A 188 -6.70 14.84 -20.58
CA LYS A 188 -6.06 14.34 -21.79
C LYS A 188 -5.06 15.33 -22.36
N TYR A 189 -5.41 16.62 -22.36
CA TYR A 189 -4.53 17.66 -22.90
C TYR A 189 -3.48 18.12 -21.88
N ILE A 190 -3.89 18.32 -20.62
CA ILE A 190 -3.00 18.76 -19.56
C ILE A 190 -1.92 17.72 -19.22
N GLU A 191 -2.33 16.51 -18.82
CA GLU A 191 -1.41 15.46 -18.42
C GLU A 191 -0.66 14.82 -19.59
N GLY A 192 -1.33 14.72 -20.72
CA GLY A 192 -0.76 14.07 -21.89
C GLY A 192 -1.06 12.59 -21.92
N TRP A 193 -2.26 12.22 -21.46
CA TRP A 193 -2.70 10.83 -21.47
C TRP A 193 -3.52 10.55 -22.74
N THR A 194 -3.64 9.28 -23.14
CA THR A 194 -4.47 8.92 -24.29
C THR A 194 -5.96 8.99 -23.90
N ALA A 195 -6.85 9.04 -24.91
CA ALA A 195 -8.30 9.12 -24.68
C ALA A 195 -8.83 8.02 -23.76
N LEU A 196 -8.30 6.79 -23.90
CA LEU A 196 -8.72 5.68 -23.05
C LEU A 196 -8.22 5.90 -21.62
N GLU A 197 -6.96 6.30 -21.46
CA GLU A 197 -6.35 6.55 -20.15
C GLU A 197 -7.07 7.62 -19.36
N SER A 198 -7.64 8.62 -20.05
CA SER A 198 -8.38 9.69 -19.39
C SER A 198 -9.69 9.18 -18.81
N ILE A 199 -10.46 8.41 -19.60
CA ILE A 199 -11.73 7.82 -19.13
C ILE A 199 -11.42 6.82 -18.01
N TYR A 200 -10.37 6.00 -18.20
CA TYR A 200 -9.89 5.02 -17.22
C TYR A 200 -9.55 5.71 -15.91
N PHE A 201 -8.90 6.88 -15.96
CA PHE A 201 -8.56 7.64 -14.76
C PHE A 201 -9.82 8.12 -14.04
N VAL A 202 -10.75 8.76 -14.78
CA VAL A 202 -11.98 9.30 -14.21
C VAL A 202 -12.83 8.19 -13.58
N VAL A 203 -12.93 7.03 -14.25
CA VAL A 203 -13.68 5.89 -13.73
C VAL A 203 -13.02 5.35 -12.47
N VAL A 204 -11.70 5.15 -12.49
CA VAL A 204 -10.93 4.65 -11.35
C VAL A 204 -11.01 5.62 -10.16
N THR A 205 -11.04 6.93 -10.43
CA THR A 205 -11.11 7.94 -9.38
C THR A 205 -12.51 8.05 -8.77
N LEU A 206 -13.54 8.35 -9.58
CA LEU A 206 -14.91 8.54 -9.11
C LEU A 206 -15.52 7.28 -8.48
N THR A 207 -14.96 6.09 -8.77
CA THR A 207 -15.43 4.87 -8.14
C THR A 207 -14.62 4.49 -6.88
N THR A 208 -13.78 5.43 -6.36
CA THR A 208 -12.91 5.33 -5.19
C THR A 208 -11.99 4.10 -5.22
N VAL A 209 -11.67 3.61 -6.43
CA VAL A 209 -10.78 2.46 -6.56
C VAL A 209 -9.34 2.93 -6.35
N GLY A 210 -8.97 3.99 -7.06
CA GLY A 210 -7.65 4.63 -6.97
C GLY A 210 -6.47 3.69 -7.00
N PHE A 211 -6.13 3.17 -8.18
CA PHE A 211 -4.99 2.27 -8.32
C PHE A 211 -3.69 3.02 -8.08
N GLY A 212 -3.57 4.21 -8.66
CA GLY A 212 -2.36 5.01 -8.53
C GLY A 212 -1.48 4.97 -9.75
N ASP A 213 -1.86 4.20 -10.79
CA ASP A 213 -1.10 4.11 -12.04
C ASP A 213 -1.16 5.43 -12.84
N PHE A 214 -2.27 6.15 -12.71
CA PHE A 214 -2.46 7.46 -13.33
C PHE A 214 -2.95 8.37 -12.21
N VAL A 215 -2.18 9.42 -11.90
CA VAL A 215 -2.55 10.36 -10.84
C VAL A 215 -2.67 11.76 -11.43
N ALA A 216 -3.72 12.51 -11.09
CA ALA A 216 -3.87 13.89 -11.58
C ALA A 216 -2.88 14.76 -10.83
N GLY A 217 -2.09 15.53 -11.57
CA GLY A 217 -1.06 16.38 -10.99
C GLY A 217 0.11 15.63 -10.41
N GLY A 218 0.34 14.39 -10.89
CA GLY A 218 1.41 13.54 -10.40
C GLY A 218 2.66 13.53 -11.24
N ASN A 219 2.57 13.96 -12.51
CA ASN A 219 3.73 14.00 -13.39
C ASN A 219 4.68 15.10 -12.94
N ALA A 220 5.74 14.71 -12.22
CA ALA A 220 6.75 15.61 -11.66
C ALA A 220 7.48 16.49 -12.69
N GLY A 221 7.35 16.17 -13.97
CA GLY A 221 7.99 16.92 -15.03
C GLY A 221 7.15 18.03 -15.63
N ILE A 222 5.93 18.23 -15.14
CA ILE A 222 5.05 19.28 -15.68
C ILE A 222 4.98 20.49 -14.75
N ASN A 223 5.21 21.70 -15.30
CA ASN A 223 5.12 22.92 -14.52
C ASN A 223 3.65 23.27 -14.39
N TYR A 224 3.00 22.75 -13.34
CA TYR A 224 1.57 22.96 -13.11
C TYR A 224 1.21 24.36 -12.63
N ARG A 225 0.10 24.89 -13.14
CA ARG A 225 -0.40 26.19 -12.69
C ARG A 225 -1.13 26.00 -11.36
N GLU A 226 -1.05 27.00 -10.46
CA GLU A 226 -1.62 26.94 -9.11
C GLU A 226 -3.13 26.66 -9.05
N TRP A 227 -3.90 27.06 -10.06
CA TRP A 227 -5.35 26.83 -10.08
C TRP A 227 -5.74 25.39 -10.48
N TYR A 228 -4.78 24.52 -10.80
CA TYR A 228 -5.10 23.22 -11.34
C TYR A 228 -5.33 22.10 -10.30
N LYS A 229 -4.35 21.81 -9.44
CA LYS A 229 -4.49 20.72 -8.46
C LYS A 229 -5.69 20.88 -7.49
N PRO A 230 -5.96 22.06 -6.89
CA PRO A 230 -7.14 22.16 -6.00
C PRO A 230 -8.48 22.08 -6.75
N LEU A 231 -8.48 22.46 -8.03
CA LEU A 231 -9.66 22.35 -8.88
C LEU A 231 -10.00 20.89 -9.12
N VAL A 232 -9.00 20.00 -9.22
CA VAL A 232 -9.22 18.56 -9.41
C VAL A 232 -9.90 17.96 -8.18
N TRP A 233 -9.50 18.38 -6.97
CA TRP A 233 -10.10 17.89 -5.74
C TRP A 233 -11.54 18.40 -5.55
N PHE A 234 -11.85 19.57 -6.11
CA PHE A 234 -13.22 20.10 -6.10
C PHE A 234 -14.10 19.24 -7.02
N TRP A 235 -13.53 18.78 -8.16
CA TRP A 235 -14.20 17.92 -9.14
C TRP A 235 -14.47 16.56 -8.51
N ILE A 236 -13.53 16.02 -7.72
CA ILE A 236 -13.71 14.74 -7.03
C ILE A 236 -14.86 14.85 -6.05
N LEU A 237 -14.91 15.96 -5.28
CA LEU A 237 -15.96 16.19 -4.30
C LEU A 237 -17.36 16.29 -4.96
N VAL A 238 -17.54 17.15 -5.96
CA VAL A 238 -18.84 17.29 -6.63
C VAL A 238 -19.22 16.09 -7.52
N GLY A 239 -18.22 15.35 -7.98
CA GLY A 239 -18.42 14.18 -8.82
C GLY A 239 -18.78 12.97 -8.00
N LEU A 240 -18.22 12.83 -6.80
CA LEU A 240 -18.49 11.72 -5.91
C LEU A 240 -19.91 11.70 -5.44
N ALA A 241 -20.58 12.84 -5.32
CA ALA A 241 -21.98 12.84 -4.92
C ALA A 241 -22.94 12.47 -6.09
N TYR A 242 -22.60 12.97 -7.29
CA TYR A 242 -23.39 12.70 -8.49
C TYR A 242 -23.21 11.22 -8.89
N PHE A 243 -22.00 10.67 -8.73
CA PHE A 243 -21.71 9.27 -9.03
C PHE A 243 -22.34 8.32 -8.00
N ALA A 244 -22.56 8.79 -6.76
CA ALA A 244 -23.20 8.00 -5.69
C ALA A 244 -24.67 7.75 -6.03
N ALA A 245 -25.33 8.72 -6.69
CA ALA A 245 -26.72 8.59 -7.10
C ALA A 245 -26.88 7.58 -8.27
N VAL A 246 -25.86 7.48 -9.13
CA VAL A 246 -25.83 6.57 -10.27
C VAL A 246 -25.69 5.13 -9.77
N LEU A 247 -24.77 4.90 -8.82
CA LEU A 247 -24.54 3.58 -8.24
C LEU A 247 -25.71 3.11 -7.37
N SER A 248 -26.45 4.06 -6.74
CA SER A 248 -27.63 3.73 -5.94
C SER A 248 -28.82 3.36 -6.84
N MET A 249 -28.92 4.01 -8.01
CA MET A 249 -29.96 3.75 -9.01
C MET A 249 -29.72 2.38 -9.65
N ILE A 250 -28.44 2.04 -9.93
CA ILE A 250 -28.06 0.76 -10.52
C ILE A 250 -28.30 -0.38 -9.54
N LYS B 2 -27.39 26.13 5.50
CA LYS B 2 -26.29 26.47 6.40
C LYS B 2 -25.86 25.29 7.28
N THR B 3 -26.07 24.05 6.82
CA THR B 3 -25.70 22.86 7.59
C THR B 3 -24.65 22.05 6.85
N VAL B 4 -24.81 21.85 5.54
CA VAL B 4 -23.85 21.11 4.72
C VAL B 4 -22.57 21.94 4.56
N VAL B 5 -22.69 23.27 4.45
CA VAL B 5 -21.57 24.20 4.36
C VAL B 5 -20.73 24.16 5.65
N ALA B 6 -21.40 24.03 6.81
CA ALA B 6 -20.70 23.92 8.09
C ALA B 6 -19.88 22.64 8.14
N ILE B 7 -20.44 21.52 7.61
CA ILE B 7 -19.75 20.23 7.54
C ILE B 7 -18.55 20.33 6.62
N PHE B 8 -18.71 21.02 5.47
CA PHE B 8 -17.65 21.24 4.49
C PHE B 8 -16.46 21.97 5.14
N VAL B 9 -16.74 22.98 5.97
CA VAL B 9 -15.70 23.74 6.66
C VAL B 9 -14.96 22.83 7.64
N VAL B 10 -15.69 21.99 8.39
CA VAL B 10 -15.11 21.03 9.34
C VAL B 10 -14.18 20.06 8.60
N VAL B 11 -14.62 19.56 7.43
CA VAL B 11 -13.83 18.66 6.60
C VAL B 11 -12.57 19.33 6.06
N VAL B 12 -12.68 20.57 5.55
CA VAL B 12 -11.52 21.32 5.05
C VAL B 12 -10.51 21.56 6.17
N VAL B 13 -10.99 21.95 7.36
CA VAL B 13 -10.15 22.16 8.54
C VAL B 13 -9.44 20.85 8.92
N TYR B 14 -10.15 19.73 8.84
CA TYR B 14 -9.64 18.40 9.13
C TYR B 14 -8.54 18.01 8.13
N LEU B 15 -8.63 18.48 6.88
CA LEU B 15 -7.62 18.19 5.84
C LEU B 15 -6.38 19.06 6.01
N VAL B 16 -6.57 20.32 6.43
CA VAL B 16 -5.45 21.23 6.66
C VAL B 16 -4.68 20.77 7.90
N THR B 17 -5.42 20.43 8.97
CA THR B 17 -4.86 19.92 10.23
C THR B 17 -4.14 18.61 9.96
N GLY B 18 -4.79 17.72 9.23
CA GLY B 18 -4.21 16.43 8.87
C GLY B 18 -2.95 16.57 8.05
N GLY B 19 -2.95 17.52 7.13
CA GLY B 19 -1.80 17.83 6.29
C GLY B 19 -0.62 18.35 7.08
N LEU B 20 -0.89 19.11 8.15
CA LEU B 20 0.16 19.64 9.00
C LEU B 20 0.81 18.52 9.83
N VAL B 21 0.01 17.55 10.30
CA VAL B 21 0.50 16.44 11.10
C VAL B 21 1.29 15.46 10.25
N PHE B 22 0.77 15.09 9.08
CA PHE B 22 1.45 14.18 8.16
C PHE B 22 2.76 14.78 7.65
N ARG B 23 2.83 16.11 7.48
CA ARG B 23 4.05 16.80 7.04
C ARG B 23 5.14 16.68 8.09
N ALA B 24 4.80 16.91 9.37
CA ALA B 24 5.75 16.82 10.46
C ALA B 24 6.22 15.39 10.73
N LEU B 25 5.40 14.40 10.40
CA LEU B 25 5.74 12.99 10.62
C LEU B 25 6.58 12.42 9.50
N GLU B 26 6.39 12.89 8.26
CA GLU B 26 7.09 12.32 7.12
C GLU B 26 8.20 13.15 6.49
N GLN B 27 8.27 14.46 6.79
CA GLN B 27 9.31 15.31 6.21
C GLN B 27 10.75 14.88 6.63
N PRO B 28 11.03 14.54 7.92
CA PRO B 28 12.40 14.13 8.28
C PRO B 28 12.80 12.80 7.67
N PHE B 29 11.85 11.88 7.47
CA PHE B 29 12.15 10.58 6.87
C PHE B 29 12.42 10.72 5.38
N GLU B 30 11.66 11.59 4.69
CA GLU B 30 11.87 11.81 3.26
C GLU B 30 13.24 12.46 3.02
N SER B 31 13.63 13.39 3.87
CA SER B 31 14.92 14.07 3.77
C SER B 31 16.08 13.07 3.99
N SER B 32 15.91 12.18 4.97
CA SER B 32 16.91 11.17 5.27
C SER B 32 17.01 10.14 4.16
N GLN B 33 15.87 9.76 3.56
CA GLN B 33 15.86 8.79 2.46
C GLN B 33 16.47 9.39 1.20
N LYS B 34 16.26 10.69 0.95
CA LYS B 34 16.83 11.38 -0.21
C LYS B 34 18.36 11.39 -0.11
N ASN B 35 18.87 11.69 1.09
CA ASN B 35 20.30 11.72 1.37
C ASN B 35 20.90 10.31 1.28
N THR B 36 20.17 9.32 1.79
CA THR B 36 20.61 7.92 1.78
C THR B 36 20.77 7.39 0.37
N ILE B 37 19.75 7.48 -0.50
CA ILE B 37 19.81 6.96 -1.88
C ILE B 37 20.89 7.64 -2.72
N ALA B 38 21.13 8.94 -2.50
CA ALA B 38 22.19 9.65 -3.22
C ALA B 38 23.57 9.08 -2.83
N LEU B 39 23.74 8.71 -1.56
CA LEU B 39 24.98 8.12 -1.04
C LEU B 39 25.14 6.70 -1.54
N GLU B 40 24.06 5.91 -1.59
CA GLU B 40 24.12 4.52 -2.05
C GLU B 40 24.49 4.44 -3.52
N LYS B 41 24.08 5.41 -4.33
CA LYS B 41 24.41 5.43 -5.75
C LYS B 41 25.87 5.82 -5.96
N ALA B 42 26.38 6.76 -5.15
CA ALA B 42 27.77 7.20 -5.22
C ALA B 42 28.72 6.09 -4.75
N GLU B 43 28.34 5.39 -3.69
CA GLU B 43 29.14 4.30 -3.14
C GLU B 43 29.14 3.07 -4.04
N PHE B 44 28.06 2.85 -4.81
CA PHE B 44 27.98 1.73 -5.73
C PHE B 44 29.00 1.93 -6.85
N LEU B 45 29.11 3.16 -7.37
CA LEU B 45 30.06 3.49 -8.43
C LEU B 45 31.50 3.45 -7.95
N ARG B 46 31.72 3.77 -6.67
CA ARG B 46 33.04 3.73 -6.06
C ARG B 46 33.50 2.26 -5.91
N ASP B 47 32.59 1.40 -5.46
CA ASP B 47 32.88 -0.02 -5.28
C ASP B 47 32.94 -0.78 -6.59
N HIS B 48 32.22 -0.32 -7.62
CA HIS B 48 32.20 -0.98 -8.92
C HIS B 48 32.71 -0.04 -10.00
N VAL B 49 34.03 -0.05 -10.20
CA VAL B 49 34.77 0.80 -11.13
C VAL B 49 34.44 0.55 -12.61
N CYS B 50 33.95 -0.65 -12.93
CA CYS B 50 33.59 -1.03 -14.29
C CYS B 50 32.20 -0.48 -14.72
N VAL B 51 31.42 0.09 -13.78
CA VAL B 51 30.09 0.65 -14.06
C VAL B 51 30.13 2.17 -14.19
N SER B 52 29.69 2.70 -15.34
CA SER B 52 29.64 4.15 -15.55
C SER B 52 28.42 4.77 -14.83
N PRO B 53 28.44 6.07 -14.50
CA PRO B 53 27.28 6.66 -13.81
C PRO B 53 26.00 6.64 -14.64
N GLN B 54 26.12 6.70 -15.98
CA GLN B 54 24.95 6.65 -16.86
C GLN B 54 24.41 5.22 -16.95
N GLU B 55 25.30 4.22 -16.98
CA GLU B 55 24.92 2.80 -17.02
C GLU B 55 24.16 2.39 -15.75
N LEU B 56 24.45 3.05 -14.62
CA LEU B 56 23.78 2.81 -13.33
C LEU B 56 22.34 3.33 -13.40
N GLU B 57 22.15 4.56 -13.96
CA GLU B 57 20.84 5.17 -14.08
C GLU B 57 19.95 4.38 -15.02
N THR B 58 20.52 3.85 -16.12
CA THR B 58 19.77 3.07 -17.10
C THR B 58 19.25 1.79 -16.47
N LEU B 59 20.05 1.16 -15.61
CA LEU B 59 19.68 -0.06 -14.90
C LEU B 59 18.54 0.23 -13.91
N ILE B 60 18.62 1.35 -13.19
CA ILE B 60 17.60 1.77 -12.23
C ILE B 60 16.30 2.04 -12.97
N GLN B 61 16.33 2.83 -14.05
CA GLN B 61 15.12 3.14 -14.81
C GLN B 61 14.52 1.87 -15.43
N HIS B 62 15.35 0.90 -15.84
CA HIS B 62 14.87 -0.36 -16.38
C HIS B 62 14.18 -1.22 -15.32
N ALA B 63 14.70 -1.17 -14.08
CA ALA B 63 14.09 -1.90 -12.97
C ALA B 63 12.75 -1.26 -12.59
N LEU B 64 12.71 0.09 -12.57
CA LEU B 64 11.50 0.84 -12.28
C LEU B 64 10.45 0.67 -13.38
N ASP B 65 10.87 0.48 -14.64
CA ASP B 65 9.97 0.26 -15.76
C ASP B 65 9.21 -1.06 -15.56
N ALA B 66 9.92 -2.10 -15.10
CA ALA B 66 9.31 -3.40 -14.86
C ALA B 66 8.46 -3.37 -13.60
N ASP B 67 8.94 -2.68 -12.55
CA ASP B 67 8.22 -2.57 -11.28
C ASP B 67 6.88 -1.87 -11.46
N ASN B 68 6.84 -0.77 -12.25
CA ASN B 68 5.62 -0.03 -12.51
C ASN B 68 4.61 -0.84 -13.32
N ALA B 69 5.11 -1.70 -14.23
CA ALA B 69 4.26 -2.56 -15.05
C ALA B 69 3.59 -3.69 -14.24
N GLY B 70 4.13 -4.01 -13.06
CA GLY B 70 3.61 -5.07 -12.20
C GLY B 70 4.60 -6.19 -11.93
N VAL B 71 5.72 -6.21 -12.65
CA VAL B 71 6.76 -7.24 -12.51
C VAL B 71 7.88 -6.76 -11.59
N SER B 72 8.07 -7.41 -10.45
CA SER B 72 9.13 -7.03 -9.51
C SER B 72 10.49 -7.39 -10.08
N PRO B 73 11.42 -6.42 -10.14
CA PRO B 73 12.76 -6.72 -10.68
C PRO B 73 13.69 -7.43 -9.68
N ILE B 74 13.20 -7.75 -8.48
CA ILE B 74 13.98 -8.44 -7.46
C ILE B 74 13.88 -9.93 -7.66
N GLY B 75 15.03 -10.60 -7.63
CA GLY B 75 15.12 -12.05 -7.76
C GLY B 75 14.84 -12.60 -9.14
N GLN B 76 14.79 -13.93 -9.24
CA GLN B 76 14.54 -14.61 -10.51
C GLN B 76 13.06 -14.52 -10.88
N SER B 77 12.75 -13.66 -11.86
CA SER B 77 11.40 -13.43 -12.38
C SER B 77 10.80 -14.69 -13.01
N SER B 78 11.66 -15.53 -13.61
CA SER B 78 11.26 -16.78 -14.23
C SER B 78 10.71 -17.73 -13.17
N GLN B 79 11.41 -17.83 -12.02
CA GLN B 79 11.00 -18.69 -10.92
C GLN B 79 9.80 -18.14 -10.12
N GLN B 80 9.57 -16.82 -10.17
CA GLN B 80 8.46 -16.19 -9.47
C GLN B 80 7.10 -16.64 -10.02
N SER B 81 6.05 -16.57 -9.20
CA SER B 81 4.71 -16.93 -9.61
C SER B 81 4.06 -15.86 -10.52
N SER B 82 2.87 -16.15 -11.09
CA SER B 82 2.19 -15.20 -11.96
C SER B 82 1.22 -14.29 -11.18
N HIS B 83 1.20 -13.01 -11.53
CA HIS B 83 0.27 -12.05 -10.95
C HIS B 83 -1.10 -12.06 -11.66
N TRP B 84 -1.24 -12.80 -12.78
CA TRP B 84 -2.51 -12.86 -13.49
C TRP B 84 -3.07 -14.27 -13.63
N ASP B 85 -2.56 -15.25 -12.85
CA ASP B 85 -3.12 -16.61 -12.88
C ASP B 85 -4.54 -16.62 -12.26
N LEU B 86 -5.28 -17.75 -12.34
CA LEU B 86 -6.64 -17.83 -11.81
C LEU B 86 -6.81 -17.30 -10.39
N GLY B 87 -5.87 -17.62 -9.51
CA GLY B 87 -5.93 -17.17 -8.12
C GLY B 87 -5.68 -15.69 -7.92
N SER B 88 -4.67 -15.14 -8.60
CA SER B 88 -4.32 -13.72 -8.47
C SER B 88 -5.30 -12.82 -9.21
N ALA B 89 -5.83 -13.27 -10.35
CA ALA B 89 -6.81 -12.50 -11.10
C ALA B 89 -8.18 -12.49 -10.41
N PHE B 90 -8.48 -13.50 -9.56
CA PHE B 90 -9.69 -13.56 -8.76
C PHE B 90 -9.57 -12.47 -7.68
N PHE B 91 -8.38 -12.33 -7.06
CA PHE B 91 -8.16 -11.29 -6.06
C PHE B 91 -8.14 -9.91 -6.70
N PHE B 92 -7.64 -9.79 -7.95
CA PHE B 92 -7.66 -8.51 -8.66
C PHE B 92 -9.13 -8.13 -8.94
N ALA B 93 -9.94 -9.09 -9.37
CA ALA B 93 -11.35 -8.85 -9.65
C ALA B 93 -12.08 -8.42 -8.37
N GLY B 94 -11.76 -9.09 -7.26
CA GLY B 94 -12.32 -8.79 -5.95
C GLY B 94 -11.89 -7.43 -5.45
N THR B 95 -10.68 -7.00 -5.82
CA THR B 95 -10.12 -5.70 -5.46
C THR B 95 -10.86 -4.57 -6.16
N VAL B 96 -11.31 -4.79 -7.41
CA VAL B 96 -12.06 -3.80 -8.20
C VAL B 96 -13.49 -3.58 -7.68
N ILE B 97 -14.28 -4.68 -7.53
CA ILE B 97 -15.67 -4.61 -7.09
C ILE B 97 -15.83 -4.14 -5.64
N THR B 98 -14.80 -4.33 -4.81
CA THR B 98 -14.85 -3.87 -3.41
C THR B 98 -14.32 -2.44 -3.23
N THR B 99 -13.86 -1.77 -4.32
CA THR B 99 -13.31 -0.41 -4.37
C THR B 99 -12.07 -0.22 -3.49
N ILE B 100 -11.32 -1.29 -3.25
CA ILE B 100 -10.10 -1.20 -2.46
C ILE B 100 -8.98 -0.62 -3.33
N GLY B 101 -8.84 -1.18 -4.54
CA GLY B 101 -7.87 -0.76 -5.54
C GLY B 101 -6.46 -0.57 -5.04
N TYR B 102 -5.73 -1.66 -4.83
CA TYR B 102 -4.36 -1.59 -4.34
C TYR B 102 -3.46 -0.87 -5.34
N GLY B 103 -3.61 -1.17 -6.61
CA GLY B 103 -2.80 -0.54 -7.65
C GLY B 103 -1.41 -1.14 -7.82
N ASN B 104 -1.17 -2.32 -7.24
CA ASN B 104 0.13 -2.98 -7.38
C ASN B 104 0.19 -3.80 -8.66
N ILE B 105 -0.91 -4.49 -9.01
CA ILE B 105 -1.00 -5.33 -10.21
C ILE B 105 -2.19 -4.87 -11.07
N ALA B 106 -2.06 -3.68 -11.65
CA ALA B 106 -3.12 -3.05 -12.44
C ALA B 106 -2.99 -3.36 -13.94
N PRO B 107 -4.08 -3.19 -14.73
CA PRO B 107 -3.98 -3.48 -16.17
C PRO B 107 -3.10 -2.49 -16.93
N SER B 108 -2.23 -3.02 -17.80
CA SER B 108 -1.32 -2.23 -18.62
C SER B 108 -1.81 -2.18 -20.07
N THR B 109 -2.37 -3.29 -20.58
CA THR B 109 -2.89 -3.37 -21.96
C THR B 109 -4.11 -2.48 -22.15
N GLU B 110 -4.35 -2.06 -23.40
CA GLU B 110 -5.52 -1.24 -23.73
C GLU B 110 -6.81 -2.02 -23.52
N GLY B 111 -6.80 -3.30 -23.88
CA GLY B 111 -7.96 -4.18 -23.70
C GLY B 111 -8.29 -4.38 -22.23
N GLY B 112 -7.27 -4.49 -21.40
CA GLY B 112 -7.41 -4.64 -19.97
C GLY B 112 -7.97 -3.40 -19.31
N LYS B 113 -7.69 -2.23 -19.87
CA LYS B 113 -8.20 -0.96 -19.36
C LYS B 113 -9.67 -0.77 -19.78
N ILE B 114 -10.04 -1.23 -20.99
CA ILE B 114 -11.42 -1.15 -21.50
C ILE B 114 -12.32 -2.07 -20.69
N PHE B 115 -11.86 -3.29 -20.42
CA PHE B 115 -12.62 -4.25 -19.64
C PHE B 115 -12.71 -3.84 -18.17
N CYS B 116 -11.67 -3.15 -17.65
CA CYS B 116 -11.67 -2.70 -16.25
C CYS B 116 -12.68 -1.61 -15.99
N ILE B 117 -12.96 -0.76 -16.98
CA ILE B 117 -13.94 0.31 -16.82
C ILE B 117 -15.34 -0.31 -16.72
N LEU B 118 -15.66 -1.23 -17.63
CA LEU B 118 -16.95 -1.91 -17.67
C LEU B 118 -17.11 -2.92 -16.51
N TYR B 119 -16.00 -3.44 -15.98
CA TYR B 119 -16.02 -4.37 -14.86
C TYR B 119 -16.31 -3.65 -13.55
N ALA B 120 -15.82 -2.41 -13.40
CA ALA B 120 -16.07 -1.64 -12.19
C ALA B 120 -17.46 -1.01 -12.22
N ILE B 121 -17.87 -0.49 -13.39
CA ILE B 121 -19.18 0.13 -13.56
C ILE B 121 -20.32 -0.85 -13.29
N PHE B 122 -20.15 -2.12 -13.67
CA PHE B 122 -21.18 -3.14 -13.43
C PHE B 122 -20.89 -4.06 -12.25
N GLY B 123 -19.67 -4.04 -11.72
CA GLY B 123 -19.27 -4.90 -10.61
C GLY B 123 -19.36 -4.28 -9.25
N ILE B 124 -19.06 -2.97 -9.14
CA ILE B 124 -19.15 -2.26 -7.86
C ILE B 124 -20.62 -2.26 -7.34
N PRO B 125 -21.65 -1.98 -8.16
CA PRO B 125 -23.03 -2.05 -7.65
C PRO B 125 -23.47 -3.49 -7.37
N LEU B 126 -22.92 -4.48 -8.11
CA LEU B 126 -23.21 -5.89 -7.90
C LEU B 126 -22.67 -6.34 -6.56
N PHE B 127 -21.45 -5.91 -6.20
CA PHE B 127 -20.88 -6.23 -4.89
C PHE B 127 -21.65 -5.54 -3.77
N GLY B 128 -22.10 -4.32 -4.02
CA GLY B 128 -22.89 -3.55 -3.06
C GLY B 128 -24.19 -4.24 -2.71
N PHE B 129 -24.79 -4.96 -3.68
CA PHE B 129 -26.03 -5.71 -3.45
C PHE B 129 -25.79 -6.92 -2.55
N LEU B 130 -24.60 -7.53 -2.62
CA LEU B 130 -24.24 -8.66 -1.77
C LEU B 130 -23.89 -8.15 -0.38
N LEU B 131 -23.13 -7.04 -0.30
CA LEU B 131 -22.69 -6.44 0.94
C LEU B 131 -23.89 -5.94 1.77
N ALA B 132 -24.90 -5.38 1.09
CA ALA B 132 -26.10 -4.91 1.77
C ALA B 132 -26.99 -6.07 2.19
N GLY B 133 -27.08 -7.09 1.33
CA GLY B 133 -27.86 -8.28 1.59
C GLY B 133 -27.35 -9.07 2.78
N ILE B 134 -26.03 -9.15 2.93
CA ILE B 134 -25.44 -9.83 4.07
C ILE B 134 -25.72 -9.02 5.34
N GLY B 135 -25.48 -7.70 5.26
CA GLY B 135 -25.69 -6.78 6.37
C GLY B 135 -27.12 -6.69 6.88
N ASP B 136 -28.10 -6.84 5.98
CA ASP B 136 -29.51 -6.79 6.37
C ASP B 136 -29.97 -8.10 6.98
N GLN B 137 -29.43 -9.24 6.50
CA GLN B 137 -29.76 -10.55 7.06
C GLN B 137 -29.11 -10.69 8.45
N LEU B 138 -27.88 -10.21 8.60
CA LEU B 138 -27.16 -10.27 9.87
C LEU B 138 -27.71 -9.25 10.87
N GLY B 139 -28.18 -8.09 10.38
CA GLY B 139 -28.80 -7.09 11.23
C GLY B 139 -30.10 -7.57 11.86
N THR B 140 -30.80 -8.49 11.17
CA THR B 140 -32.04 -9.09 11.65
C THR B 140 -31.71 -10.04 12.80
N ILE B 141 -30.62 -10.83 12.66
CA ILE B 141 -30.16 -11.76 13.69
C ILE B 141 -29.72 -10.97 14.91
N PHE B 142 -28.95 -9.90 14.70
CA PHE B 142 -28.47 -9.06 15.79
C PHE B 142 -29.62 -8.30 16.46
N GLY B 143 -30.61 -7.90 15.68
CA GLY B 143 -31.79 -7.22 16.19
C GLY B 143 -32.61 -8.12 17.09
N LYS B 144 -32.70 -9.42 16.72
CA LYS B 144 -33.43 -10.42 17.49
C LYS B 144 -32.67 -10.82 18.78
N SER B 145 -31.33 -10.80 18.73
CA SER B 145 -30.49 -11.15 19.87
C SER B 145 -30.52 -10.03 20.90
N ILE B 146 -30.46 -8.77 20.46
CA ILE B 146 -30.48 -7.64 21.37
C ILE B 146 -31.91 -7.35 21.89
N ALA B 147 -32.96 -7.73 21.13
CA ALA B 147 -34.33 -7.58 21.62
C ALA B 147 -34.60 -8.56 22.78
N ARG B 148 -33.96 -9.76 22.73
CA ARG B 148 -34.07 -10.77 23.78
C ARG B 148 -33.36 -10.30 25.06
N VAL B 149 -32.23 -9.58 24.91
CA VAL B 149 -31.47 -9.01 26.02
C VAL B 149 -32.27 -7.86 26.65
N GLU B 150 -32.89 -7.02 25.82
CA GLU B 150 -33.70 -5.88 26.28
C GLU B 150 -34.95 -6.34 27.02
N LYS B 151 -35.50 -7.53 26.67
CA LYS B 151 -36.68 -8.08 27.32
C LYS B 151 -36.39 -8.52 28.76
N VAL B 152 -35.15 -8.96 29.03
CA VAL B 152 -34.72 -9.39 30.36
C VAL B 152 -34.59 -8.17 31.27
N PHE B 153 -33.88 -7.14 30.81
CA PHE B 153 -33.68 -5.92 31.59
C PHE B 153 -34.92 -5.01 31.54
N VAL B 158 -30.38 0.04 33.49
CA VAL B 158 -30.51 1.39 34.02
C VAL B 158 -31.30 2.26 33.05
N SER B 159 -30.93 2.19 31.76
CA SER B 159 -31.58 2.96 30.69
C SER B 159 -31.77 2.06 29.47
N GLN B 160 -32.96 2.12 28.84
CA GLN B 160 -33.26 1.33 27.64
C GLN B 160 -32.36 1.71 26.45
N THR B 161 -31.86 2.95 26.42
CA THR B 161 -30.94 3.42 25.38
C THR B 161 -29.55 2.88 25.69
N LYS B 162 -29.12 2.98 26.97
CA LYS B 162 -27.81 2.53 27.47
C LYS B 162 -27.56 1.05 27.23
N ILE B 163 -28.57 0.18 27.44
CA ILE B 163 -28.39 -1.25 27.21
C ILE B 163 -28.12 -1.58 25.72
N ARG B 164 -28.56 -0.71 24.80
CA ARG B 164 -28.30 -0.88 23.38
C ARG B 164 -26.89 -0.43 22.99
N VAL B 165 -26.31 0.53 23.73
CA VAL B 165 -24.96 1.04 23.47
C VAL B 165 -23.91 0.01 23.85
N ILE B 166 -24.11 -0.66 25.00
CA ILE B 166 -23.20 -1.71 25.48
C ILE B 166 -23.15 -2.85 24.47
N SER B 167 -24.31 -3.23 23.90
CA SER B 167 -24.42 -4.27 22.90
C SER B 167 -23.64 -3.88 21.64
N THR B 168 -23.74 -2.60 21.24
CA THR B 168 -23.05 -2.04 20.08
C THR B 168 -21.54 -2.10 20.29
N ILE B 169 -21.07 -1.76 21.50
CA ILE B 169 -19.65 -1.82 21.88
C ILE B 169 -19.16 -3.27 21.85
N LEU B 170 -19.99 -4.21 22.34
CA LEU B 170 -19.66 -5.63 22.35
C LEU B 170 -19.54 -6.19 20.94
N PHE B 171 -20.39 -5.75 20.01
CA PHE B 171 -20.31 -6.19 18.62
C PHE B 171 -19.05 -5.67 17.95
N ILE B 172 -18.64 -4.43 18.26
CA ILE B 172 -17.43 -3.84 17.72
C ILE B 172 -16.20 -4.55 18.29
N LEU B 173 -16.23 -4.89 19.60
CA LEU B 173 -15.10 -5.57 20.23
C LEU B 173 -14.90 -6.97 19.69
N ALA B 174 -15.99 -7.71 19.43
CA ALA B 174 -15.90 -9.06 18.88
C ALA B 174 -15.39 -9.03 17.43
N GLY B 175 -15.87 -8.05 16.66
CA GLY B 175 -15.45 -7.87 15.28
C GLY B 175 -14.00 -7.45 15.18
N CYS B 176 -13.52 -6.67 16.15
CA CYS B 176 -12.13 -6.22 16.21
C CYS B 176 -11.15 -7.34 16.61
N ILE B 177 -11.65 -8.49 17.08
CA ILE B 177 -10.81 -9.61 17.47
C ILE B 177 -10.84 -10.65 16.37
N VAL B 178 -12.03 -11.00 15.90
CA VAL B 178 -12.24 -12.01 14.86
C VAL B 178 -11.79 -11.52 13.47
N PHE B 179 -12.08 -10.26 13.15
CA PHE B 179 -11.78 -9.74 11.82
C PHE B 179 -10.63 -8.73 11.77
N VAL B 180 -10.13 -8.27 12.93
CA VAL B 180 -9.02 -7.31 12.93
C VAL B 180 -7.77 -7.83 13.63
N THR B 181 -7.88 -8.28 14.89
CA THR B 181 -6.77 -8.76 15.69
C THR B 181 -6.21 -10.10 15.19
N ILE B 182 -7.04 -11.16 15.13
CA ILE B 182 -6.62 -12.49 14.68
C ILE B 182 -6.05 -12.46 13.25
N PRO B 183 -6.71 -11.84 12.23
CA PRO B 183 -6.11 -11.82 10.89
C PRO B 183 -4.76 -11.10 10.86
N ALA B 184 -4.60 -10.00 11.61
CA ALA B 184 -3.32 -9.28 11.66
C ALA B 184 -2.19 -10.15 12.20
N VAL B 185 -2.49 -11.05 13.14
CA VAL B 185 -1.50 -11.97 13.69
C VAL B 185 -1.04 -12.95 12.59
N ILE B 186 -1.99 -13.41 11.76
CA ILE B 186 -1.78 -14.32 10.63
C ILE B 186 -0.93 -13.67 9.53
N PHE B 187 -1.20 -12.40 9.20
CA PHE B 187 -0.42 -11.69 8.18
C PHE B 187 1.00 -11.38 8.65
N LYS B 188 1.17 -11.13 9.96
CA LYS B 188 2.46 -10.82 10.58
C LYS B 188 3.45 -11.98 10.39
N TYR B 189 2.96 -13.22 10.48
CA TYR B 189 3.79 -14.40 10.32
C TYR B 189 3.97 -14.79 8.85
N ILE B 190 2.87 -14.76 8.07
CA ILE B 190 2.94 -15.13 6.65
C ILE B 190 3.78 -14.15 5.83
N GLU B 191 3.45 -12.86 5.85
CA GLU B 191 4.17 -11.87 5.06
C GLU B 191 5.51 -11.44 5.63
N GLY B 192 5.64 -11.50 6.94
CA GLY B 192 6.86 -11.07 7.60
C GLY B 192 6.83 -9.58 7.87
N TRP B 193 5.65 -9.04 8.21
CA TRP B 193 5.48 -7.63 8.53
C TRP B 193 5.57 -7.41 10.03
N THR B 194 5.87 -6.17 10.46
CA THR B 194 5.91 -5.86 11.89
C THR B 194 4.48 -5.75 12.44
N ALA B 195 4.32 -5.83 13.77
CA ALA B 195 3.00 -5.75 14.42
C ALA B 195 2.21 -4.50 14.03
N LEU B 196 2.91 -3.37 13.85
CA LEU B 196 2.30 -2.10 13.46
C LEU B 196 1.80 -2.17 12.02
N GLU B 197 2.62 -2.74 11.11
CA GLU B 197 2.33 -2.91 9.69
C GLU B 197 1.14 -3.83 9.44
N SER B 198 0.96 -4.83 10.30
CA SER B 198 -0.15 -5.78 10.17
C SER B 198 -1.50 -5.09 10.47
N ILE B 199 -1.57 -4.34 11.58
CA ILE B 199 -2.79 -3.61 11.95
C ILE B 199 -3.06 -2.54 10.89
N TYR B 200 -2.01 -1.83 10.45
CA TYR B 200 -2.05 -0.81 9.40
C TYR B 200 -2.63 -1.40 8.12
N PHE B 201 -2.21 -2.62 7.76
CA PHE B 201 -2.72 -3.29 6.58
C PHE B 201 -4.22 -3.61 6.70
N VAL B 202 -4.62 -4.22 7.83
CA VAL B 202 -6.02 -4.59 8.06
C VAL B 202 -6.93 -3.37 8.07
N VAL B 203 -6.48 -2.27 8.69
CA VAL B 203 -7.25 -1.02 8.73
C VAL B 203 -7.38 -0.43 7.33
N VAL B 204 -6.27 -0.36 6.58
CA VAL B 204 -6.24 0.17 5.21
C VAL B 204 -7.11 -0.69 4.27
N THR B 205 -7.13 -2.01 4.49
CA THR B 205 -7.92 -2.92 3.66
C THR B 205 -9.41 -2.87 3.98
N LEU B 206 -9.83 -3.14 5.23
CA LEU B 206 -11.23 -3.15 5.64
C LEU B 206 -11.93 -1.79 5.49
N THR B 207 -11.17 -0.70 5.40
CA THR B 207 -11.76 0.62 5.17
C THR B 207 -11.79 1.00 3.68
N THR B 208 -11.52 0.03 2.77
CA THR B 208 -11.47 0.14 1.31
C THR B 208 -10.56 1.26 0.81
N VAL B 209 -9.55 1.64 1.62
CA VAL B 209 -8.61 2.69 1.23
C VAL B 209 -7.62 2.11 0.22
N GLY B 210 -7.03 0.96 0.57
CA GLY B 210 -6.09 0.23 -0.26
C GLY B 210 -5.00 1.05 -0.91
N PHE B 211 -3.98 1.44 -0.13
CA PHE B 211 -2.87 2.22 -0.64
C PHE B 211 -2.05 1.39 -1.61
N GLY B 212 -1.76 0.15 -1.22
CA GLY B 212 -0.94 -0.72 -2.05
C GLY B 212 0.49 -0.86 -1.57
N ASP B 213 0.87 -0.14 -0.49
CA ASP B 213 2.21 -0.22 0.09
C ASP B 213 2.46 -1.59 0.76
N PHE B 214 1.40 -2.21 1.29
CA PHE B 214 1.44 -3.54 1.87
C PHE B 214 0.30 -4.31 1.23
N VAL B 215 0.62 -5.38 0.50
CA VAL B 215 -0.39 -6.19 -0.18
C VAL B 215 -0.33 -7.61 0.37
N ALA B 216 -1.49 -8.15 0.77
CA ALA B 216 -1.61 -9.48 1.34
C ALA B 216 -0.81 -10.57 0.64
N GLY B 217 -0.81 -10.57 -0.69
CA GLY B 217 -0.07 -11.56 -1.45
C GLY B 217 1.00 -10.93 -2.31
N GLY B 218 2.10 -11.65 -2.49
CA GLY B 218 3.20 -11.22 -3.34
C GLY B 218 4.09 -10.13 -2.76
N ASN B 219 3.98 -9.83 -1.46
CA ASN B 219 4.81 -8.79 -0.84
C ASN B 219 6.21 -9.32 -0.47
N ALA B 220 6.78 -10.15 -1.36
CA ALA B 220 8.09 -10.79 -1.24
C ALA B 220 8.39 -11.61 -2.52
N GLY B 221 9.68 -11.87 -2.78
CA GLY B 221 10.08 -12.71 -3.89
C GLY B 221 9.93 -14.20 -3.61
N ILE B 222 9.23 -14.57 -2.53
CA ILE B 222 8.99 -15.95 -2.15
C ILE B 222 7.71 -16.47 -2.81
N ASN B 223 7.62 -17.79 -3.02
CA ASN B 223 6.46 -18.41 -3.67
C ASN B 223 5.27 -18.57 -2.72
N TYR B 224 4.20 -17.80 -2.96
CA TYR B 224 2.98 -17.89 -2.16
C TYR B 224 2.04 -18.93 -2.76
N ARG B 225 1.29 -19.63 -1.91
CA ARG B 225 0.35 -20.66 -2.36
C ARG B 225 -0.80 -20.03 -3.17
N GLU B 226 -1.32 -20.76 -4.15
CA GLU B 226 -2.40 -20.24 -4.99
C GLU B 226 -3.74 -20.10 -4.27
N TRP B 227 -3.93 -20.84 -3.15
CA TRP B 227 -5.18 -20.79 -2.36
C TRP B 227 -5.16 -19.74 -1.24
N TYR B 228 -3.96 -19.26 -0.85
CA TYR B 228 -3.81 -18.22 0.17
C TYR B 228 -4.44 -16.88 -0.27
N LYS B 229 -4.07 -16.36 -1.45
CA LYS B 229 -4.61 -15.06 -1.92
C LYS B 229 -6.15 -15.01 -2.06
N PRO B 230 -6.87 -15.98 -2.68
CA PRO B 230 -8.34 -15.88 -2.73
C PRO B 230 -8.99 -16.01 -1.36
N LEU B 231 -8.35 -16.74 -0.41
CA LEU B 231 -8.85 -16.89 0.96
C LEU B 231 -8.81 -15.55 1.73
N VAL B 232 -7.83 -14.71 1.41
CA VAL B 232 -7.72 -13.37 1.99
C VAL B 232 -8.91 -12.53 1.51
N TRP B 233 -9.37 -12.71 0.24
CA TRP B 233 -10.56 -11.99 -0.23
C TRP B 233 -11.80 -12.44 0.52
N PHE B 234 -11.88 -13.72 0.91
CA PHE B 234 -13.01 -14.20 1.70
C PHE B 234 -13.02 -13.56 3.08
N TRP B 235 -11.84 -13.30 3.66
CA TRP B 235 -11.71 -12.56 4.92
C TRP B 235 -12.20 -11.09 4.70
N ILE B 236 -11.86 -10.51 3.54
CA ILE B 236 -12.28 -9.16 3.19
C ILE B 236 -13.81 -9.11 3.06
N LEU B 237 -14.41 -10.13 2.42
CA LEU B 237 -15.85 -10.24 2.26
C LEU B 237 -16.57 -10.32 3.59
N VAL B 238 -16.15 -11.25 4.48
CA VAL B 238 -16.78 -11.41 5.79
C VAL B 238 -16.47 -10.25 6.75
N GLY B 239 -15.33 -9.58 6.56
CA GLY B 239 -14.95 -8.44 7.38
C GLY B 239 -15.74 -7.20 7.02
N LEU B 240 -15.87 -6.93 5.72
CA LEU B 240 -16.62 -5.77 5.20
C LEU B 240 -18.13 -5.88 5.54
N ALA B 241 -18.64 -7.12 5.50
CA ALA B 241 -20.02 -7.50 5.73
C ALA B 241 -20.36 -7.47 7.18
N TYR B 242 -19.43 -7.81 8.08
CA TYR B 242 -19.73 -7.77 9.51
C TYR B 242 -19.98 -6.37 10.01
N PHE B 243 -19.17 -5.41 9.57
CA PHE B 243 -19.34 -4.03 9.98
C PHE B 243 -20.51 -3.34 9.28
N ALA B 244 -20.96 -3.87 8.13
CA ALA B 244 -22.13 -3.34 7.43
C ALA B 244 -23.42 -3.69 8.18
N ALA B 245 -23.46 -4.85 8.86
CA ALA B 245 -24.61 -5.29 9.65
C ALA B 245 -24.76 -4.47 10.94
N VAL B 246 -23.62 -3.99 11.49
CA VAL B 246 -23.61 -3.18 12.70
C VAL B 246 -24.18 -1.79 12.40
N LEU B 247 -23.74 -1.19 11.29
CA LEU B 247 -24.21 0.13 10.86
C LEU B 247 -25.67 0.10 10.39
N SER B 248 -26.15 -1.04 9.86
CA SER B 248 -27.55 -1.19 9.45
C SER B 248 -28.46 -1.37 10.68
N MET B 249 -27.95 -2.03 11.73
CA MET B 249 -28.66 -2.25 12.99
C MET B 249 -28.79 -0.90 13.73
N ILE B 250 -27.72 -0.09 13.71
CA ILE B 250 -27.70 1.24 14.34
C ILE B 250 -28.68 2.19 13.61
N GLY B 251 -28.74 2.10 12.29
CA GLY B 251 -29.64 2.91 11.50
C GLY B 251 -30.99 2.26 11.27
N VAL C 2 16.59 -20.56 18.25
CA VAL C 2 16.70 -20.42 19.70
C VAL C 2 18.07 -19.82 20.12
N GLN C 3 19.16 -20.15 19.39
CA GLN C 3 20.48 -19.65 19.77
C GLN C 3 21.27 -18.94 18.65
N LEU C 4 21.92 -17.82 18.98
CA LEU C 4 22.75 -17.05 18.03
C LEU C 4 24.19 -17.01 18.52
N VAL C 5 25.16 -17.36 17.66
CA VAL C 5 26.56 -17.38 18.06
C VAL C 5 27.43 -16.49 17.17
N GLU C 6 28.14 -15.54 17.79
CA GLU C 6 29.03 -14.65 17.07
C GLU C 6 30.48 -15.10 17.18
N SER C 7 31.28 -14.79 16.15
CA SER C 7 32.69 -15.16 16.12
C SER C 7 33.47 -14.23 15.20
N GLY C 8 34.53 -13.64 15.72
CA GLY C 8 35.35 -12.73 14.93
C GLY C 8 35.83 -11.48 15.63
N GLY C 9 35.65 -11.42 16.95
CA GLY C 9 36.08 -10.27 17.73
C GLY C 9 37.58 -10.26 17.93
N GLY C 10 38.23 -9.23 17.44
CA GLY C 10 39.68 -9.10 17.55
C GLY C 10 40.13 -7.67 17.79
N LEU C 11 41.45 -7.47 17.81
CA LEU C 11 42.03 -6.14 18.01
C LEU C 11 42.63 -5.72 16.68
N VAL C 12 42.28 -4.51 16.22
CA VAL C 12 42.74 -4.05 14.92
C VAL C 12 43.16 -2.57 14.91
N GLN C 13 44.04 -2.21 13.97
CA GLN C 13 44.53 -0.85 13.78
C GLN C 13 43.45 0.02 13.10
N ALA C 14 43.54 1.35 13.26
CA ALA C 14 42.58 2.26 12.64
C ALA C 14 42.74 2.26 11.11
N GLY C 15 41.62 2.40 10.40
CA GLY C 15 41.58 2.40 8.96
C GLY C 15 41.79 1.03 8.32
N ASP C 16 41.63 -0.05 9.11
CA ASP C 16 41.81 -1.42 8.65
C ASP C 16 40.48 -2.17 8.52
N SER C 17 40.47 -3.30 7.80
CA SER C 17 39.26 -4.10 7.60
C SER C 17 39.24 -5.40 8.40
N LEU C 18 38.04 -5.79 8.90
CA LEU C 18 37.84 -6.99 9.71
C LEU C 18 36.39 -7.49 9.52
N ARG C 19 36.18 -8.82 9.37
CA ARG C 19 34.84 -9.35 9.20
C ARG C 19 34.41 -10.28 10.33
N VAL C 20 33.22 -10.03 10.90
CA VAL C 20 32.69 -10.84 11.99
C VAL C 20 31.51 -11.70 11.48
N SER C 21 31.31 -12.89 12.08
CA SER C 21 30.26 -13.81 11.66
C SER C 21 29.22 -14.11 12.76
N CYS C 22 28.00 -14.43 12.36
CA CYS C 22 26.90 -14.78 13.26
C CYS C 22 26.16 -15.99 12.68
N ALA C 23 26.08 -17.06 13.45
CA ALA C 23 25.43 -18.28 13.00
C ALA C 23 24.18 -18.59 13.78
N GLY C 24 23.11 -18.90 13.07
CA GLY C 24 21.84 -19.23 13.68
C GLY C 24 21.68 -20.72 13.88
N SER C 25 21.04 -21.14 14.98
CA SER C 25 20.83 -22.54 15.27
C SER C 25 19.56 -22.77 16.08
N GLY C 26 18.78 -23.78 15.69
CA GLY C 26 17.53 -24.12 16.37
C GLY C 26 16.28 -23.48 15.78
N PHE C 27 16.41 -22.83 14.61
CA PHE C 27 15.28 -22.18 13.94
C PHE C 27 15.47 -22.15 12.41
N THR C 28 14.40 -21.88 11.65
CA THR C 28 14.48 -21.79 10.20
C THR C 28 15.18 -20.49 9.83
N PHE C 29 16.46 -20.58 9.42
CA PHE C 29 17.30 -19.44 9.09
C PHE C 29 16.74 -18.53 8.01
N THR C 30 16.17 -19.11 6.95
CA THR C 30 15.64 -18.34 5.82
C THR C 30 14.41 -17.50 6.15
N SER C 31 13.65 -17.89 7.18
CA SER C 31 12.43 -17.17 7.56
C SER C 31 12.63 -16.06 8.61
N TYR C 32 13.88 -15.72 8.93
CA TYR C 32 14.17 -14.70 9.93
C TYR C 32 15.07 -13.62 9.36
N GLY C 33 14.68 -12.36 9.54
CA GLY C 33 15.48 -11.22 9.10
C GLY C 33 16.38 -10.77 10.22
N MET C 34 17.68 -11.03 10.10
CA MET C 34 18.63 -10.71 11.17
C MET C 34 19.49 -9.45 10.89
N GLY C 35 20.11 -8.92 11.95
CA GLY C 35 20.96 -7.73 11.86
C GLY C 35 21.95 -7.60 13.00
N TRP C 36 22.81 -6.57 12.93
CA TRP C 36 23.85 -6.29 13.93
C TRP C 36 23.59 -5.02 14.75
N PHE C 37 24.08 -5.01 15.99
CA PHE C 37 24.00 -3.89 16.94
C PHE C 37 25.33 -3.78 17.72
N ARG C 38 25.61 -2.62 18.35
CA ARG C 38 26.85 -2.45 19.12
C ARG C 38 26.67 -1.61 20.39
N GLN C 39 27.62 -1.69 21.34
CA GLN C 39 27.54 -0.90 22.56
C GLN C 39 28.93 -0.54 23.10
N ALA C 40 29.35 0.71 22.89
CA ALA C 40 30.66 1.16 23.37
C ALA C 40 30.60 1.48 24.86
N PRO C 41 31.71 1.29 25.61
CA PRO C 41 31.68 1.57 27.05
C PRO C 41 31.21 2.98 27.39
N GLY C 42 30.21 3.07 28.27
CA GLY C 42 29.64 4.35 28.66
C GLY C 42 28.54 4.87 27.75
N LYS C 43 28.22 4.12 26.68
CA LYS C 43 27.20 4.50 25.73
C LYS C 43 26.04 3.47 25.69
N GLU C 44 24.88 3.88 25.16
CA GLU C 44 23.74 2.98 25.03
C GLU C 44 23.86 2.09 23.76
N ARG C 45 23.00 1.08 23.61
CA ARG C 45 23.05 0.20 22.44
C ARG C 45 22.68 0.96 21.16
N GLU C 46 23.48 0.78 20.11
CA GLU C 46 23.35 1.48 18.85
C GLU C 46 23.12 0.50 17.69
N PHE C 47 22.42 0.95 16.65
CA PHE C 47 22.17 0.12 15.48
C PHE C 47 23.40 0.09 14.56
N VAL C 48 23.67 -1.05 13.92
CA VAL C 48 24.81 -1.16 13.01
C VAL C 48 24.37 -1.50 11.57
N ALA C 49 23.82 -2.69 11.34
CA ALA C 49 23.39 -3.12 10.01
C ALA C 49 22.20 -4.09 10.11
N SER C 50 21.50 -4.33 8.99
CA SER C 50 20.36 -5.24 8.97
C SER C 50 20.09 -5.78 7.58
N ILE C 51 19.48 -6.96 7.49
CA ILE C 51 19.16 -7.56 6.21
C ILE C 51 17.83 -8.31 6.26
N ASN C 52 17.11 -8.36 5.13
CA ASN C 52 15.86 -9.09 5.05
C ASN C 52 16.14 -10.59 4.73
N TRP C 53 15.12 -11.40 4.43
CA TRP C 53 15.30 -12.82 4.14
C TRP C 53 16.23 -13.07 2.95
N ASN C 54 16.29 -12.12 1.99
CA ASN C 54 17.07 -12.31 0.78
C ASN C 54 18.33 -11.38 0.71
N SER C 55 18.27 -10.23 0.00
CA SER C 55 19.45 -9.39 -0.18
C SER C 55 19.25 -7.90 0.07
N ASN C 56 18.18 -7.51 0.75
CA ASN C 56 17.93 -6.09 1.03
C ASN C 56 18.61 -5.65 2.32
N THR C 57 19.66 -4.83 2.21
CA THR C 57 20.39 -4.37 3.39
C THR C 57 20.00 -2.94 3.81
N ALA C 58 20.36 -2.56 5.04
CA ALA C 58 20.09 -1.25 5.59
C ALA C 58 21.14 -0.97 6.67
N TYR C 59 21.77 0.21 6.64
CA TYR C 59 22.82 0.52 7.60
C TYR C 59 22.55 1.80 8.39
N ALA C 60 23.31 1.99 9.48
CA ALA C 60 23.23 3.22 10.26
C ALA C 60 24.02 4.28 9.48
N ASP C 61 23.61 5.55 9.58
CA ASP C 61 24.29 6.65 8.88
C ASP C 61 25.77 6.78 9.22
N SER C 62 26.20 6.23 10.36
CA SER C 62 27.59 6.27 10.81
C SER C 62 28.46 5.16 10.20
N VAL C 63 27.86 4.11 9.66
CA VAL C 63 28.63 3.00 9.10
C VAL C 63 28.33 2.69 7.64
N ARG C 64 27.49 3.49 6.96
CA ARG C 64 27.21 3.23 5.55
C ARG C 64 28.44 3.59 4.70
N GLY C 65 28.73 2.77 3.71
CA GLY C 65 29.92 2.97 2.88
C GLY C 65 31.18 2.33 3.43
N ARG C 66 31.14 1.80 4.65
CA ARG C 66 32.27 1.15 5.27
C ARG C 66 31.90 -0.27 5.68
N PHE C 67 30.71 -0.44 6.27
CA PHE C 67 30.26 -1.75 6.74
C PHE C 67 29.38 -2.43 5.70
N THR C 68 29.45 -3.77 5.61
CA THR C 68 28.68 -4.54 4.64
C THR C 68 28.07 -5.80 5.25
N ILE C 69 26.75 -5.79 5.47
CA ILE C 69 26.06 -6.96 6.00
C ILE C 69 25.65 -7.89 4.85
N SER C 70 25.77 -9.19 5.08
CA SER C 70 25.48 -10.20 4.07
C SER C 70 25.00 -11.49 4.73
N ARG C 71 24.39 -12.39 3.94
CA ARG C 71 23.95 -13.68 4.46
C ARG C 71 24.05 -14.76 3.42
N ASP C 72 24.39 -15.97 3.85
CA ASP C 72 24.51 -17.11 2.96
C ASP C 72 23.57 -18.16 3.51
N ASN C 73 22.31 -18.12 3.09
CA ASN C 73 21.28 -19.03 3.56
C ASN C 73 21.64 -20.50 3.41
N ALA C 74 22.45 -20.86 2.41
CA ALA C 74 22.89 -22.25 2.23
C ALA C 74 23.84 -22.72 3.33
N GLU C 75 24.55 -21.78 3.96
CA GLU C 75 25.46 -22.08 5.07
C GLU C 75 24.90 -21.64 6.44
N SER C 76 23.63 -21.15 6.49
CA SER C 76 22.94 -20.71 7.69
C SER C 76 23.74 -19.67 8.48
N MET C 77 24.35 -18.69 7.78
CA MET C 77 25.18 -17.69 8.44
C MET C 77 25.00 -16.24 7.96
N MET C 78 25.46 -15.27 8.75
CA MET C 78 25.42 -13.85 8.44
C MET C 78 26.81 -13.25 8.68
N TYR C 79 27.29 -12.40 7.77
CA TYR C 79 28.62 -11.80 7.91
C TYR C 79 28.53 -10.27 7.88
N LEU C 80 29.41 -9.59 8.63
CA LEU C 80 29.45 -8.13 8.61
C LEU C 80 30.87 -7.67 8.29
N GLN C 81 31.15 -7.35 7.02
CA GLN C 81 32.50 -6.90 6.64
C GLN C 81 32.68 -5.43 7.01
N MET C 82 33.47 -5.17 8.05
CA MET C 82 33.71 -3.80 8.52
C MET C 82 35.01 -3.27 7.92
N ASN C 83 34.91 -2.27 7.02
CA ASN C 83 36.10 -1.70 6.40
C ASN C 83 36.46 -0.35 6.98
N SER C 84 37.75 0.00 6.94
CA SER C 84 38.31 1.25 7.45
C SER C 84 37.82 1.60 8.86
N LEU C 85 37.89 0.61 9.77
CA LEU C 85 37.47 0.70 11.16
C LEU C 85 38.08 1.89 11.92
N LYS C 86 37.23 2.74 12.47
CA LYS C 86 37.64 3.92 13.21
C LYS C 86 37.78 3.61 14.71
N PRO C 87 38.58 4.38 15.47
CA PRO C 87 38.65 4.15 16.93
C PRO C 87 37.31 4.39 17.65
N GLU C 88 36.31 4.95 16.94
CA GLU C 88 34.96 5.14 17.48
C GLU C 88 34.05 3.90 17.27
N ASP C 89 34.57 2.83 16.65
CA ASP C 89 33.84 1.60 16.38
C ASP C 89 34.14 0.48 17.39
N THR C 90 35.05 0.70 18.36
CA THR C 90 35.36 -0.33 19.35
C THR C 90 34.17 -0.52 20.29
N ALA C 91 33.43 -1.61 20.10
CA ALA C 91 32.22 -1.89 20.87
C ALA C 91 31.89 -3.40 20.89
N VAL C 92 30.97 -3.84 21.78
CA VAL C 92 30.55 -5.23 21.83
C VAL C 92 29.49 -5.38 20.74
N TYR C 93 29.76 -6.18 19.69
CA TYR C 93 28.79 -6.35 18.61
C TYR C 93 27.86 -7.56 18.80
N TYR C 94 26.57 -7.30 18.98
CA TYR C 94 25.58 -8.36 19.18
C TYR C 94 24.79 -8.57 17.89
N CYS C 95 24.53 -9.84 17.51
CA CYS C 95 23.68 -10.11 16.35
C CYS C 95 22.31 -10.54 16.83
N ALA C 96 21.25 -9.98 16.24
CA ALA C 96 19.89 -10.29 16.64
C ALA C 96 19.02 -10.71 15.43
N ALA C 97 17.86 -11.35 15.65
CA ALA C 97 16.99 -11.78 14.53
C ALA C 97 15.51 -11.46 14.75
N THR C 98 14.77 -11.21 13.66
CA THR C 98 13.34 -10.85 13.69
C THR C 98 12.51 -11.86 12.92
N ARG C 99 11.36 -12.26 13.48
CA ARG C 99 10.43 -13.16 12.77
C ARG C 99 9.80 -12.47 11.52
N ALA C 100 9.81 -11.12 11.49
CA ALA C 100 9.33 -10.27 10.41
C ALA C 100 10.49 -10.04 9.43
N TYR C 101 10.49 -10.78 8.32
CA TYR C 101 11.55 -10.81 7.32
C TYR C 101 11.38 -9.93 6.07
N SER C 102 10.19 -9.35 5.84
CA SER C 102 9.90 -8.57 4.61
C SER C 102 10.92 -7.47 4.28
N LYS C 103 11.25 -6.64 5.27
CA LYS C 103 12.19 -5.53 5.08
C LYS C 103 13.26 -5.55 6.18
N PRO C 104 14.45 -4.95 5.94
CA PRO C 104 15.47 -4.93 6.99
C PRO C 104 15.08 -4.02 8.15
N ARG C 105 14.69 -4.62 9.28
CA ARG C 105 14.25 -3.89 10.47
C ARG C 105 15.41 -3.14 11.12
N VAL C 106 15.16 -1.92 11.63
CA VAL C 106 16.21 -1.10 12.22
C VAL C 106 16.01 -0.83 13.72
N ASP C 107 14.78 -1.01 14.22
CA ASP C 107 14.49 -0.76 15.63
C ASP C 107 14.77 -2.02 16.45
N SER C 108 15.49 -1.89 17.57
CA SER C 108 15.82 -3.01 18.46
C SER C 108 14.60 -3.68 19.09
N ARG C 109 13.44 -2.99 19.11
CA ARG C 109 12.18 -3.49 19.66
C ARG C 109 11.64 -4.64 18.82
N HIS C 110 11.86 -4.62 17.51
CA HIS C 110 11.38 -5.65 16.60
C HIS C 110 12.20 -6.93 16.61
N TYR C 111 13.47 -6.87 17.03
CA TYR C 111 14.35 -8.03 17.10
C TYR C 111 14.01 -8.91 18.31
N ASP C 112 13.69 -10.19 18.08
CA ASP C 112 13.26 -11.14 19.12
C ASP C 112 14.41 -11.94 19.79
N TYR C 113 15.23 -12.62 18.99
CA TYR C 113 16.33 -13.43 19.53
C TYR C 113 17.61 -12.61 19.50
N TRP C 114 18.50 -12.78 20.50
CA TRP C 114 19.75 -12.01 20.54
C TRP C 114 21.00 -12.85 20.81
N GLY C 115 22.16 -12.29 20.47
CA GLY C 115 23.44 -12.95 20.68
C GLY C 115 24.17 -12.47 21.93
N GLN C 116 25.29 -13.12 22.26
CA GLN C 116 26.07 -12.77 23.46
C GLN C 116 27.04 -11.60 23.28
N GLY C 117 27.35 -11.26 22.04
CA GLY C 117 28.24 -10.15 21.73
C GLY C 117 29.67 -10.55 21.50
N THR C 118 30.38 -9.78 20.67
CA THR C 118 31.78 -10.05 20.37
C THR C 118 32.56 -8.73 20.34
N GLN C 119 33.63 -8.64 21.15
CA GLN C 119 34.41 -7.42 21.30
C GLN C 119 35.41 -7.16 20.19
N VAL C 120 35.11 -6.16 19.35
CA VAL C 120 35.96 -5.71 18.28
C VAL C 120 36.62 -4.43 18.80
N THR C 121 37.94 -4.42 19.00
CA THR C 121 38.61 -3.23 19.54
C THR C 121 39.51 -2.53 18.53
N VAL C 122 39.27 -1.22 18.30
CA VAL C 122 40.06 -0.46 17.34
C VAL C 122 40.92 0.61 18.03
K K D . -3.58 2.32 -4.62
K K E . -6.41 2.53 -3.70
K K F . -9.52 2.50 -2.66
K K G . -12.90 2.52 -1.72
#